data_4UO9
#
_entry.id   4UO9
#
_cell.length_a   100.382
_cell.length_b   100.382
_cell.length_c   396.534
_cell.angle_alpha   90.00
_cell.angle_beta   90.00
_cell.angle_gamma   120.00
#
_symmetry.space_group_name_H-M   'H 3 2'
#
loop_
_entity.id
_entity.type
_entity.pdbx_description
1 polymer HA1
2 polymer HA2
3 branched 2-acetamido-2-deoxy-beta-D-glucopyranose-(1-4)-2-acetamido-2-deoxy-beta-D-glucopyranose
4 branched beta-D-mannopyranose-(1-4)-2-acetamido-2-deoxy-beta-D-glucopyranose-(1-4)-2-acetamido-2-deoxy-beta-D-glucopyranose
5 non-polymer 2-acetamido-2-deoxy-beta-D-glucopyranose
6 non-polymer 'SULFATE ION'
7 water water
#
loop_
_entity_poly.entity_id
_entity_poly.type
_entity_poly.pdbx_seq_one_letter_code
_entity_poly.pdbx_strand_id
1 'polypeptide(L)'
;QNPISGNNTATLCLGHHAVANGTLVKTMTDDQIEVTNATELVQSISMGKICNKSYRILDGRNCTLIDAMLGDPHCDAFQY
ESWDLFIERSNAFSNCYPYDIPDYASLRSIVASSGTVEFTAEGFTWTGVTQNGRSGACKRGSADSFFSRLNWLTKSGSSY
PTLNVTMPNNKNFDKLYIWGIHHPSSNQEQTKLYIQESGRVTVSTKRSQQTIIPNIGSRPLVRGQSGRISIYWTIVKPGD
ILMINSNGNLVAPRGYFKLNTGKSSVMRSDVPIDICVSECITPNGSISNDKPFQNVNKVTYGKCPKYIRQNTLKLATGMR
NVPEKQTR
;
A
2 'polypeptide(L)'
;GIFGAIAGFIENGWEGMVDGWYGFRYQNSEGTGQAADLKSTQAAIDQINGKLNRVIERTNEKFHQIEKEFSEVEGRIQDL
EKYVEDTKIDLWSYNAELLVALENQHTIDLTDAEMNKLFEKTRRQLRENAEDMGDGCFKIYHKCDNACIESIRTGTYDHY
IYRDEALNNRFQSGR
;
B
#
loop_
_chem_comp.id
_chem_comp.type
_chem_comp.name
_chem_comp.formula
BMA D-saccharide, beta linking beta-D-mannopyranose 'C6 H12 O6'
NAG D-saccharide, beta linking 2-acetamido-2-deoxy-beta-D-glucopyranose 'C8 H15 N O6'
SO4 non-polymer 'SULFATE ION' 'O4 S -2'
#
# COMPACT_ATOMS: atom_id res chain seq x y z
N ASN A 7 -48.94 -19.92 -36.94
CA ASN A 7 -50.11 -19.75 -37.86
C ASN A 7 -50.77 -18.37 -37.74
N ASN A 8 -51.73 -18.23 -36.82
CA ASN A 8 -52.45 -16.97 -36.60
C ASN A 8 -52.26 -16.44 -35.15
N THR A 9 -51.23 -16.94 -34.46
CA THR A 9 -50.71 -16.33 -33.23
C THR A 9 -49.19 -16.50 -33.21
N ALA A 10 -48.53 -15.84 -32.25
CA ALA A 10 -47.10 -16.03 -32.02
C ALA A 10 -46.83 -15.88 -30.54
N THR A 11 -45.67 -16.32 -30.10
CA THR A 11 -45.31 -16.19 -28.69
C THR A 11 -43.92 -15.59 -28.56
N LEU A 12 -43.76 -14.65 -27.62
CA LEU A 12 -42.53 -13.88 -27.48
C LEU A 12 -42.10 -13.90 -26.04
N CYS A 13 -41.01 -14.61 -25.76
CA CYS A 13 -40.57 -14.86 -24.41
C CYS A 13 -39.37 -14.03 -24.07
N LEU A 14 -39.44 -13.30 -22.96
CA LEU A 14 -38.30 -12.52 -22.48
C LEU A 14 -37.47 -13.34 -21.51
N GLY A 15 -36.17 -13.10 -21.54
CA GLY A 15 -35.24 -13.81 -20.67
C GLY A 15 -33.87 -13.18 -20.58
N HIS A 16 -33.04 -13.77 -19.73
CA HIS A 16 -31.67 -13.32 -19.48
C HIS A 16 -30.71 -14.51 -19.60
N HIS A 17 -29.41 -14.21 -19.70
CA HIS A 17 -28.40 -15.26 -19.86
C HIS A 17 -28.04 -15.93 -18.55
N ALA A 18 -27.19 -16.95 -18.65
CA ALA A 18 -26.70 -17.65 -17.49
C ALA A 18 -25.53 -18.50 -17.90
N VAL A 19 -24.58 -18.68 -17.00
CA VAL A 19 -23.43 -19.54 -17.28
C VAL A 19 -23.54 -20.85 -16.52
N ALA A 20 -22.64 -21.77 -16.84
CA ALA A 20 -22.62 -23.09 -16.21
C ALA A 20 -21.76 -23.08 -14.95
N ASN A 21 -20.57 -22.48 -15.05
CA ASN A 21 -19.68 -22.36 -13.90
C ASN A 21 -19.68 -20.93 -13.38
N GLY A 22 -20.55 -20.66 -12.41
CA GLY A 22 -20.79 -19.32 -11.88
C GLY A 22 -19.84 -18.92 -10.79
N THR A 23 -20.29 -18.03 -9.90
CA THR A 23 -19.46 -17.50 -8.79
C THR A 23 -20.33 -17.11 -7.59
N LEU A 24 -19.81 -17.32 -6.38
CA LEU A 24 -20.49 -16.93 -5.16
C LEU A 24 -20.03 -15.57 -4.69
N VAL A 25 -20.94 -14.80 -4.08
CA VAL A 25 -20.65 -13.44 -3.58
C VAL A 25 -21.54 -13.11 -2.38
N LYS A 26 -21.14 -12.12 -1.58
CA LYS A 26 -21.91 -11.71 -0.40
C LYS A 26 -22.81 -10.52 -0.71
N THR A 27 -24.01 -10.54 -0.16
CA THR A 27 -24.92 -9.40 -0.21
C THR A 27 -25.21 -9.00 1.21
N MET A 28 -26.10 -8.04 1.35
CA MET A 28 -26.54 -7.65 2.67
C MET A 28 -27.41 -8.75 3.31
N THR A 29 -28.13 -9.52 2.48
CA THR A 29 -29.04 -10.56 2.97
C THR A 29 -28.54 -11.99 2.76
N ASP A 30 -27.49 -12.18 1.96
CA ASP A 30 -26.94 -13.52 1.71
C ASP A 30 -25.44 -13.57 1.93
N ASP A 31 -24.99 -14.66 2.54
CA ASP A 31 -23.57 -14.88 2.75
C ASP A 31 -22.91 -15.44 1.49
N GLN A 32 -23.63 -16.33 0.81
CA GLN A 32 -23.14 -16.97 -0.41
C GLN A 32 -24.29 -17.08 -1.41
N ILE A 33 -24.33 -16.18 -2.38
CA ILE A 33 -25.35 -16.23 -3.42
C ILE A 33 -24.64 -16.23 -4.79
N GLU A 34 -25.19 -16.97 -5.75
CA GLU A 34 -24.48 -17.23 -7.01
C GLU A 34 -24.80 -16.23 -8.11
N VAL A 35 -23.75 -15.68 -8.72
CA VAL A 35 -23.88 -14.73 -9.82
C VAL A 35 -23.05 -15.18 -11.01
N THR A 36 -23.33 -14.61 -12.19
CA THR A 36 -22.63 -14.98 -13.41
C THR A 36 -21.15 -14.68 -13.34
N ASN A 37 -20.78 -13.54 -12.76
CA ASN A 37 -19.39 -13.15 -12.68
C ASN A 37 -19.05 -12.28 -11.50
N ALA A 38 -17.77 -12.23 -11.15
CA ALA A 38 -17.29 -11.39 -10.06
C ALA A 38 -15.82 -11.08 -10.24
N THR A 39 -15.33 -10.11 -9.47
CA THR A 39 -13.92 -9.73 -9.51
C THR A 39 -13.37 -9.56 -8.10
N GLU A 40 -12.08 -9.87 -7.98
CA GLU A 40 -11.41 -9.94 -6.70
C GLU A 40 -10.88 -8.56 -6.34
N LEU A 41 -11.17 -8.11 -5.13
CA LEU A 41 -10.73 -6.78 -4.67
C LEU A 41 -9.56 -6.84 -3.71
N VAL A 42 -9.20 -8.05 -3.28
CA VAL A 42 -8.10 -8.26 -2.36
C VAL A 42 -6.88 -8.80 -3.11
N GLN A 43 -5.75 -8.12 -2.96
CA GLN A 43 -4.48 -8.59 -3.50
C GLN A 43 -3.83 -9.51 -2.47
N SER A 44 -3.80 -10.81 -2.76
CA SER A 44 -3.33 -11.81 -1.80
C SER A 44 -1.86 -12.18 -1.98
N ILE A 45 -1.45 -12.40 -3.23
CA ILE A 45 -0.07 -12.80 -3.52
C ILE A 45 0.79 -11.62 -3.97
N SER A 46 2.10 -11.77 -3.78
CA SER A 46 3.08 -10.73 -4.11
C SER A 46 3.92 -11.13 -5.30
N MET A 47 4.51 -10.12 -5.94
CA MET A 47 5.36 -10.32 -7.12
C MET A 47 6.41 -11.40 -6.87
N GLY A 48 6.85 -11.51 -5.62
CA GLY A 48 7.86 -12.49 -5.21
C GLY A 48 9.12 -11.78 -4.74
N LYS A 49 9.53 -10.78 -5.51
CA LYS A 49 10.77 -10.05 -5.27
C LYS A 49 10.55 -8.55 -5.41
N ILE A 50 11.59 -7.78 -5.16
CA ILE A 50 11.50 -6.33 -5.16
C ILE A 50 11.92 -5.73 -6.51
N CYS A 51 10.98 -5.00 -7.12
CA CYS A 51 11.19 -4.34 -8.39
C CYS A 51 12.06 -3.11 -8.23
N ASN A 52 13.19 -3.10 -8.92
CA ASN A 52 14.07 -1.94 -8.96
C ASN A 52 13.36 -0.67 -9.45
N LYS A 53 12.30 -0.83 -10.25
CA LYS A 53 11.50 0.29 -10.74
C LYS A 53 10.10 0.27 -10.13
N SER A 54 9.37 1.38 -10.16
CA SER A 54 9.81 2.69 -10.67
C SER A 54 10.72 3.45 -9.71
N TYR A 55 10.74 3.02 -8.45
CA TYR A 55 11.41 3.74 -7.37
C TYR A 55 12.89 3.40 -7.26
N ARG A 56 13.68 4.39 -6.84
CA ARG A 56 15.09 4.21 -6.54
C ARG A 56 15.31 3.35 -5.29
N ILE A 57 15.51 2.05 -5.49
CA ILE A 57 15.71 1.11 -4.39
C ILE A 57 17.19 0.97 -4.08
N LEU A 58 17.51 0.76 -2.81
CA LEU A 58 18.91 0.58 -2.38
C LEU A 58 19.06 -0.61 -1.42
N ASP A 59 19.90 -1.56 -1.81
CA ASP A 59 20.10 -2.79 -1.05
C ASP A 59 21.08 -2.54 0.09
N GLY A 60 20.65 -2.81 1.33
CA GLY A 60 21.49 -2.61 2.51
C GLY A 60 22.58 -3.64 2.69
N ARG A 61 22.34 -4.86 2.22
CA ARG A 61 23.29 -5.97 2.32
C ARG A 61 23.81 -6.14 3.75
N ASN A 62 25.13 -6.02 3.94
CA ASN A 62 25.75 -6.19 5.24
C ASN A 62 25.60 -4.98 6.16
N CYS A 63 25.00 -3.90 5.65
CA CYS A 63 24.91 -2.66 6.39
C CYS A 63 23.51 -2.24 6.79
N THR A 64 23.41 -1.67 7.99
CA THR A 64 22.21 -0.99 8.48
C THR A 64 22.35 0.47 8.08
N LEU A 65 21.22 1.19 8.08
CA LEU A 65 21.20 2.60 7.67
C LEU A 65 22.09 3.46 8.58
N ILE A 66 21.97 3.23 9.89
CA ILE A 66 22.73 3.97 10.89
C ILE A 66 24.25 3.82 10.66
N ASP A 67 24.70 2.61 10.33
CA ASP A 67 26.12 2.37 10.06
C ASP A 67 26.60 3.04 8.78
N ALA A 68 25.71 3.23 7.82
CA ALA A 68 26.05 3.99 6.63
C ALA A 68 26.13 5.48 6.95
N MET A 69 25.13 6.00 7.68
CA MET A 69 25.21 7.37 8.22
C MET A 69 26.54 7.56 8.93
N LEU A 70 26.77 6.77 9.97
CA LEU A 70 27.99 6.82 10.78
C LEU A 70 29.26 6.71 9.94
N GLY A 71 29.24 5.79 8.97
CA GLY A 71 30.40 5.53 8.11
C GLY A 71 31.30 4.41 8.62
N ASP A 72 30.68 3.35 9.12
CA ASP A 72 31.38 2.11 9.47
C ASP A 72 32.20 1.66 8.25
N PRO A 73 33.52 1.43 8.42
CA PRO A 73 34.37 1.10 7.27
C PRO A 73 33.76 0.14 6.25
N HIS A 74 33.16 -0.95 6.69
CA HIS A 74 32.56 -1.90 5.74
C HIS A 74 31.27 -1.35 5.08
N CYS A 75 30.83 -0.18 5.53
CA CYS A 75 29.71 0.55 4.93
C CYS A 75 30.16 1.83 4.23
N ASP A 76 31.32 1.78 3.58
CA ASP A 76 31.85 2.94 2.84
C ASP A 76 31.29 3.00 1.41
N ALA A 77 30.72 1.90 0.94
CA ALA A 77 30.07 1.86 -0.38
C ALA A 77 28.95 2.88 -0.50
N PHE A 78 28.26 3.16 0.61
CA PHE A 78 27.09 4.03 0.62
C PHE A 78 27.40 5.52 0.92
N GLN A 79 28.67 5.91 0.75
CA GLN A 79 29.12 7.28 1.00
C GLN A 79 28.25 8.32 0.27
N TYR A 80 28.12 8.14 -1.04
CA TYR A 80 27.55 9.17 -1.91
C TYR A 80 26.12 8.86 -2.32
N GLU A 81 25.39 8.13 -1.48
CA GLU A 81 24.14 7.48 -1.88
C GLU A 81 22.88 8.11 -1.32
N SER A 82 21.90 8.26 -2.20
CA SER A 82 20.54 8.64 -1.83
C SER A 82 19.60 7.55 -2.39
N TRP A 83 18.34 7.60 -1.96
CA TRP A 83 17.37 6.55 -2.28
C TRP A 83 15.96 7.08 -2.15
N ASP A 84 15.01 6.38 -2.77
CA ASP A 84 13.60 6.55 -2.46
C ASP A 84 13.31 5.64 -1.27
N LEU A 85 13.65 4.36 -1.40
CA LEU A 85 13.50 3.39 -0.33
C LEU A 85 14.79 2.61 -0.08
N PHE A 86 15.20 2.57 1.18
CA PHE A 86 16.40 1.88 1.64
C PHE A 86 15.98 0.58 2.33
N ILE A 87 16.55 -0.53 1.87
CA ILE A 87 16.23 -1.86 2.41
C ILE A 87 17.24 -2.29 3.46
N GLU A 88 16.76 -2.69 4.64
CA GLU A 88 17.63 -3.25 5.68
C GLU A 88 17.48 -4.76 5.75
N ARG A 89 18.60 -5.46 5.65
CA ARG A 89 18.62 -6.93 5.72
C ARG A 89 18.80 -7.39 7.16
N SER A 90 18.27 -8.57 7.46
CA SER A 90 18.29 -9.10 8.82
C SER A 90 19.68 -9.55 9.27
N ASN A 91 20.46 -10.08 8.33
CA ASN A 91 21.81 -10.57 8.65
C ASN A 91 22.88 -9.47 8.69
N ALA A 92 22.52 -8.25 8.33
CA ALA A 92 23.43 -7.11 8.44
C ALA A 92 23.95 -6.96 9.87
N PHE A 93 25.00 -6.17 10.02
CA PHE A 93 25.68 -6.05 11.31
C PHE A 93 26.57 -4.80 11.37
N SER A 94 27.26 -4.64 12.50
CA SER A 94 28.28 -3.60 12.67
C SER A 94 29.63 -4.26 12.85
N ASN A 95 30.68 -3.63 12.32
CA ASN A 95 32.05 -4.09 12.51
C ASN A 95 32.97 -3.06 13.19
N CYS A 96 32.45 -1.86 13.51
CA CYS A 96 33.26 -0.81 14.09
C CYS A 96 33.20 -0.85 15.62
N TYR A 97 33.55 0.25 16.28
CA TYR A 97 33.59 0.30 17.73
C TYR A 97 32.18 0.15 18.32
N PRO A 98 32.02 -0.73 19.34
CA PRO A 98 30.68 -0.97 19.89
C PRO A 98 29.99 0.29 20.38
N TYR A 99 28.68 0.37 20.16
CA TYR A 99 27.92 1.60 20.45
C TYR A 99 26.47 1.37 20.83
N ASP A 100 25.83 2.44 21.31
CA ASP A 100 24.38 2.49 21.54
C ASP A 100 23.88 3.94 21.49
N ILE A 101 22.68 4.12 20.93
CA ILE A 101 22.10 5.45 20.76
C ILE A 101 20.84 5.57 21.61
N PRO A 102 20.74 6.65 22.42
CA PRO A 102 19.44 7.00 22.99
C PRO A 102 18.42 7.40 21.90
N ASP A 103 17.36 6.59 21.76
CA ASP A 103 16.37 6.72 20.69
C ASP A 103 16.96 6.47 19.29
N TYR A 104 17.56 5.28 19.14
CA TYR A 104 18.05 4.77 17.86
C TYR A 104 17.00 5.02 16.78
N ALA A 105 15.77 4.60 17.05
CA ALA A 105 14.70 4.66 16.08
C ALA A 105 14.60 6.06 15.49
N SER A 106 14.41 7.05 16.36
CA SER A 106 14.16 8.42 15.91
C SER A 106 15.20 8.88 14.92
N LEU A 107 16.47 8.63 15.24
CA LEU A 107 17.58 9.01 14.34
C LEU A 107 17.56 8.22 13.04
N ARG A 108 17.28 6.92 13.13
CA ARG A 108 17.07 6.09 11.94
C ARG A 108 15.99 6.69 11.04
N SER A 109 14.84 6.93 11.65
CA SER A 109 13.70 7.54 10.96
C SER A 109 14.06 8.88 10.34
N ILE A 110 14.83 9.69 11.04
CA ILE A 110 15.13 11.05 10.56
C ILE A 110 16.08 11.02 9.37
N VAL A 111 16.89 9.97 9.27
CA VAL A 111 17.76 9.81 8.11
C VAL A 111 16.93 9.31 6.96
N ALA A 112 16.23 8.21 7.21
CA ALA A 112 15.44 7.51 6.20
C ALA A 112 14.48 8.44 5.47
N SER A 113 13.87 9.35 6.22
CA SER A 113 12.93 10.31 5.67
C SER A 113 13.63 11.32 4.76
N SER A 114 14.79 11.81 5.21
CA SER A 114 15.61 12.70 4.40
C SER A 114 16.13 11.98 3.15
N GLY A 115 16.41 10.69 3.28
CA GLY A 115 16.66 9.82 2.13
C GLY A 115 18.03 9.96 1.49
N THR A 116 19.07 10.17 2.30
CA THR A 116 20.43 10.31 1.78
C THR A 116 21.46 10.17 2.90
N VAL A 117 22.70 9.85 2.52
CA VAL A 117 23.82 9.77 3.46
C VAL A 117 24.98 10.70 3.04
N GLU A 118 24.73 11.57 2.07
CA GLU A 118 25.80 12.40 1.51
C GLU A 118 26.25 13.41 2.57
N PHE A 119 27.53 13.34 2.94
CA PHE A 119 28.06 14.07 4.08
C PHE A 119 28.92 15.26 3.67
N THR A 120 28.36 16.46 3.83
CA THR A 120 29.13 17.69 3.61
C THR A 120 30.07 17.89 4.78
N ALA A 121 31.37 17.90 4.49
CA ALA A 121 32.39 18.13 5.50
C ALA A 121 32.48 19.62 5.81
N GLU A 122 32.92 19.93 7.04
CA GLU A 122 33.20 21.31 7.44
C GLU A 122 34.59 21.38 8.07
N GLY A 123 35.24 22.54 7.95
CA GLY A 123 36.60 22.73 8.45
C GLY A 123 36.65 23.09 9.92
N PHE A 124 36.39 22.11 10.79
CA PHE A 124 36.48 22.31 12.24
C PHE A 124 37.94 22.40 12.66
N THR A 125 38.23 23.21 13.68
CA THR A 125 39.56 23.23 14.30
C THR A 125 39.47 22.93 15.79
N TRP A 126 40.44 22.18 16.30
CA TRP A 126 40.49 21.79 17.71
C TRP A 126 41.95 21.83 18.17
N THR A 127 42.42 23.02 18.55
CA THR A 127 43.83 23.19 18.92
C THR A 127 44.11 22.68 20.33
N GLY A 128 45.28 22.06 20.50
CA GLY A 128 45.69 21.47 21.77
C GLY A 128 45.22 20.03 21.97
N VAL A 129 44.75 19.39 20.89
CA VAL A 129 44.28 17.99 20.96
C VAL A 129 44.56 17.24 19.65
N THR A 130 45.06 16.01 19.77
CA THR A 130 45.33 15.17 18.60
C THR A 130 44.01 14.59 18.05
N GLN A 131 43.91 14.56 16.71
CA GLN A 131 42.70 14.15 16.02
C GLN A 131 42.82 12.74 15.45
N ASN A 132 41.72 12.21 14.94
CA ASN A 132 41.69 10.93 14.21
C ASN A 132 42.09 9.72 15.05
N GLY A 133 41.39 9.48 16.15
CA GLY A 133 41.66 8.31 17.00
C GLY A 133 41.35 7.01 16.28
N ARG A 134 42.25 6.03 16.40
CA ARG A 134 42.10 4.71 15.73
C ARG A 134 41.60 3.66 16.71
N SER A 135 41.33 2.45 16.20
CA SER A 135 40.87 1.33 17.04
C SER A 135 41.12 -0.04 16.41
N GLY A 136 41.52 -1.00 17.24
CA GLY A 136 41.76 -2.37 16.82
C GLY A 136 40.50 -3.17 16.54
N ALA A 137 39.34 -2.59 16.82
CA ALA A 137 38.05 -3.23 16.54
C ALA A 137 37.20 -2.43 15.53
N CYS A 138 37.88 -1.74 14.61
CA CYS A 138 37.20 -1.00 13.52
C CYS A 138 38.20 -0.81 12.37
N LYS A 139 38.42 -1.88 11.62
CA LYS A 139 39.46 -1.89 10.58
C LYS A 139 38.93 -1.40 9.24
N ARG A 140 39.67 -0.47 8.63
CA ARG A 140 39.45 -0.07 7.24
C ARG A 140 40.66 -0.56 6.48
N GLY A 141 40.44 -1.46 5.52
CA GLY A 141 41.55 -2.21 4.92
C GLY A 141 42.06 -3.20 5.95
N SER A 142 43.38 -3.20 6.18
CA SER A 142 44.00 -4.00 7.23
C SER A 142 44.25 -3.18 8.50
N ALA A 143 44.47 -1.87 8.34
CA ALA A 143 44.89 -1.01 9.45
C ALA A 143 43.73 -0.56 10.34
N ASP A 144 44.09 -0.15 11.55
CA ASP A 144 43.13 0.34 12.54
C ASP A 144 42.57 1.69 12.16
N SER A 145 41.25 1.75 11.95
CA SER A 145 40.56 3.00 11.65
C SER A 145 39.40 3.20 12.62
N PHE A 146 38.57 4.20 12.33
CA PHE A 146 37.39 4.52 13.13
C PHE A 146 36.25 4.76 12.17
N PHE A 147 35.13 5.28 12.68
CA PHE A 147 34.04 5.79 11.82
C PHE A 147 34.57 6.90 10.92
N SER A 148 34.19 6.87 9.65
CA SER A 148 34.69 7.86 8.70
C SER A 148 34.18 9.27 9.00
N ARG A 149 33.00 9.36 9.59
CA ARG A 149 32.31 10.64 9.76
C ARG A 149 32.30 11.14 11.19
N LEU A 150 32.91 10.38 12.10
CA LEU A 150 33.12 10.84 13.47
C LEU A 150 34.62 10.96 13.77
N ASN A 151 34.97 11.91 14.62
CA ASN A 151 36.36 12.30 14.86
C ASN A 151 36.75 12.17 16.34
N TRP A 152 37.39 11.05 16.68
CA TRP A 152 37.78 10.77 18.06
C TRP A 152 38.92 11.69 18.48
N LEU A 153 38.63 12.59 19.40
CA LEU A 153 39.61 13.52 19.93
C LEU A 153 40.20 12.97 21.21
N THR A 154 41.52 13.10 21.34
CA THR A 154 42.25 12.67 22.53
C THR A 154 43.32 13.69 22.89
N LYS A 155 44.02 13.44 24.00
CA LYS A 155 45.07 14.34 24.48
C LYS A 155 46.15 14.60 23.43
N SER A 156 46.71 15.81 23.47
CA SER A 156 47.93 16.14 22.75
C SER A 156 49.00 16.49 23.77
N GLY A 157 50.07 15.70 23.79
CA GLY A 157 51.17 15.91 24.73
C GLY A 157 50.81 15.53 26.15
N SER A 158 50.59 16.55 26.98
CA SER A 158 50.23 16.33 28.38
C SER A 158 49.07 17.26 28.78
N SER A 159 48.10 17.41 27.88
CA SER A 159 46.94 18.25 28.15
C SER A 159 45.75 17.96 27.20
N TYR A 160 44.56 18.06 27.75
CA TYR A 160 43.32 18.04 26.98
C TYR A 160 42.58 19.32 27.41
N PRO A 161 42.78 20.42 26.67
CA PRO A 161 42.20 21.71 27.05
C PRO A 161 40.70 21.78 26.78
N THR A 162 39.98 22.49 27.64
CA THR A 162 38.53 22.67 27.46
C THR A 162 38.28 23.32 26.11
N LEU A 163 37.75 22.53 25.18
CA LEU A 163 37.50 23.00 23.83
C LEU A 163 36.24 23.84 23.81
N ASN A 164 36.28 24.94 23.07
CA ASN A 164 35.11 25.78 22.85
C ASN A 164 35.11 26.15 21.37
N VAL A 165 34.31 25.41 20.59
CA VAL A 165 34.32 25.50 19.14
C VAL A 165 32.91 25.76 18.61
N THR A 166 32.81 26.58 17.57
CA THR A 166 31.52 26.97 17.01
C THR A 166 31.44 26.68 15.51
N MET A 167 30.24 26.75 14.95
CA MET A 167 30.02 26.64 13.51
C MET A 167 28.65 27.20 13.12
N PRO A 168 28.64 28.40 12.53
CA PRO A 168 27.38 29.06 12.19
C PRO A 168 26.72 28.45 10.96
N ASN A 169 25.42 28.19 11.06
CA ASN A 169 24.65 27.71 9.92
C ASN A 169 24.11 28.92 9.18
N ASN A 170 24.83 29.31 8.12
CA ASN A 170 24.39 30.39 7.26
C ASN A 170 23.79 29.85 5.97
N LYS A 171 23.55 28.54 5.92
CA LYS A 171 22.96 27.91 4.75
C LYS A 171 21.48 28.18 4.76
N ASN A 172 20.81 27.76 3.71
CA ASN A 172 19.39 28.00 3.53
C ASN A 172 18.54 26.83 4.05
N PHE A 173 19.07 26.09 5.03
CA PHE A 173 18.42 24.86 5.50
C PHE A 173 18.96 24.38 6.84
N ASP A 174 18.22 23.43 7.43
CA ASP A 174 18.59 22.83 8.71
C ASP A 174 19.75 21.88 8.49
N LYS A 175 20.83 22.08 9.24
CA LYS A 175 21.97 21.17 9.22
C LYS A 175 21.83 20.15 10.34
N LEU A 176 21.97 18.86 10.00
CA LEU A 176 21.96 17.77 10.98
C LEU A 176 23.38 17.38 11.36
N TYR A 177 23.68 17.46 12.65
CA TYR A 177 25.01 17.14 13.17
C TYR A 177 24.98 15.88 14.05
N ILE A 178 26.05 15.09 13.93
CA ILE A 178 26.16 13.80 14.61
C ILE A 178 27.44 13.73 15.43
N TRP A 179 27.29 13.52 16.74
CA TRP A 179 28.41 13.50 17.67
C TRP A 179 28.17 12.45 18.74
N GLY A 180 29.19 12.20 19.55
CA GLY A 180 29.12 11.19 20.59
C GLY A 180 30.07 11.42 21.75
N ILE A 181 30.23 10.38 22.57
CA ILE A 181 31.01 10.47 23.80
C ILE A 181 31.56 9.09 24.14
N HIS A 182 32.77 9.06 24.70
CA HIS A 182 33.43 7.79 25.04
C HIS A 182 33.18 7.40 26.49
N HIS A 183 32.67 6.20 26.69
CA HIS A 183 32.52 5.59 28.03
C HIS A 183 33.70 4.63 28.24
N PRO A 184 34.71 5.03 29.02
CA PRO A 184 35.89 4.16 29.18
C PRO A 184 35.66 2.90 30.02
N SER A 185 36.57 1.95 29.92
CA SER A 185 36.48 0.66 30.61
C SER A 185 37.03 0.73 32.04
N SER A 186 38.09 1.53 32.22
CA SER A 186 38.74 1.66 33.52
C SER A 186 39.21 3.09 33.77
N ASN A 187 39.46 3.40 35.04
CA ASN A 187 39.96 4.72 35.45
C ASN A 187 41.17 5.16 34.63
N GLN A 188 42.04 4.19 34.36
CA GLN A 188 43.35 4.45 33.76
C GLN A 188 43.30 4.72 32.25
N GLU A 189 42.24 4.28 31.58
CA GLU A 189 42.05 4.65 30.18
C GLU A 189 41.57 6.09 30.08
N GLN A 190 40.70 6.50 31.01
CA GLN A 190 40.17 7.86 31.07
C GLN A 190 41.31 8.89 31.15
N THR A 191 42.15 8.74 32.16
CA THR A 191 43.27 9.66 32.37
C THR A 191 44.31 9.52 31.26
N LYS A 192 44.74 8.30 30.98
CA LYS A 192 45.79 8.03 29.97
C LYS A 192 45.39 8.36 28.54
N LEU A 193 44.17 8.87 28.35
CA LEU A 193 43.69 9.26 27.03
C LEU A 193 43.10 10.67 26.98
N TYR A 194 42.57 11.17 28.11
CA TYR A 194 41.99 12.51 28.18
C TYR A 194 42.49 13.33 29.37
N ILE A 195 43.62 12.93 29.97
CA ILE A 195 44.17 13.59 31.17
C ILE A 195 43.19 13.58 32.36
N GLN A 196 42.11 14.36 32.26
CA GLN A 196 41.18 14.53 33.37
C GLN A 196 40.55 13.21 33.79
N GLU A 197 40.14 13.13 35.06
CA GLU A 197 39.55 11.93 35.64
C GLU A 197 38.04 11.80 35.37
N SER A 198 37.37 12.93 35.10
CA SER A 198 35.95 12.94 34.71
C SER A 198 35.68 14.05 33.70
N GLY A 199 35.15 13.67 32.54
CA GLY A 199 34.92 14.60 31.44
C GLY A 199 33.46 14.93 31.19
N ARG A 200 33.24 15.85 30.26
CA ARG A 200 31.91 16.38 29.97
C ARG A 200 31.83 16.67 28.48
N VAL A 201 30.61 16.64 27.93
CA VAL A 201 30.34 17.12 26.57
C VAL A 201 29.04 17.91 26.53
N THR A 202 29.16 19.24 26.50
CA THR A 202 28.00 20.11 26.30
C THR A 202 27.97 20.52 24.84
N VAL A 203 26.86 20.22 24.17
CA VAL A 203 26.58 20.75 22.84
C VAL A 203 25.33 21.61 22.92
N SER A 204 25.35 22.76 22.25
CA SER A 204 24.28 23.73 22.37
C SER A 204 24.19 24.71 21.20
N THR A 205 23.03 25.36 21.12
CA THR A 205 22.74 26.39 20.12
C THR A 205 21.99 27.53 20.80
N LYS A 206 21.57 28.53 20.05
CA LYS A 206 20.74 29.60 20.60
C LYS A 206 19.46 29.04 21.20
N ARG A 207 18.92 28.01 20.54
CA ARG A 207 17.59 27.47 20.88
C ARG A 207 17.59 26.38 21.96
N SER A 208 18.67 25.60 22.06
CA SER A 208 18.63 24.39 22.87
C SER A 208 19.99 23.99 23.43
N GLN A 209 20.03 22.88 24.17
CA GLN A 209 21.27 22.31 24.69
C GLN A 209 21.17 20.80 24.89
N GLN A 210 22.31 20.16 25.14
CA GLN A 210 22.35 18.76 25.53
C GLN A 210 23.72 18.42 26.10
N THR A 211 23.85 18.42 27.42
CA THR A 211 25.13 18.07 28.07
C THR A 211 25.13 16.60 28.47
N ILE A 212 26.21 15.90 28.09
CA ILE A 212 26.39 14.49 28.43
C ILE A 212 27.62 14.35 29.31
N ILE A 213 27.58 13.39 30.22
CA ILE A 213 28.73 13.05 31.06
C ILE A 213 28.92 11.53 30.98
N PRO A 214 30.16 11.07 30.74
CA PRO A 214 30.38 9.65 30.50
C PRO A 214 30.55 8.83 31.78
N ASN A 215 30.58 7.50 31.62
CA ASN A 215 30.60 6.57 32.74
C ASN A 215 31.73 5.57 32.58
N ILE A 216 32.63 5.53 33.57
CA ILE A 216 33.78 4.64 33.52
C ILE A 216 33.40 3.31 34.15
N GLY A 217 33.98 2.24 33.63
CA GLY A 217 33.68 0.88 34.09
C GLY A 217 33.40 -0.03 32.91
N SER A 218 33.87 -1.26 32.99
CA SER A 218 33.83 -2.20 31.86
C SER A 218 32.45 -2.81 31.62
N ARG A 219 32.11 -2.96 30.34
CA ARG A 219 30.91 -3.64 29.86
C ARG A 219 31.31 -5.04 29.36
N PRO A 220 30.35 -5.82 28.85
CA PRO A 220 30.72 -7.03 28.11
C PRO A 220 31.53 -6.69 26.86
N LEU A 221 32.36 -7.63 26.41
CA LEU A 221 33.13 -7.41 25.19
C LEU A 221 32.23 -7.52 24.00
N VAL A 222 32.35 -6.56 23.09
CA VAL A 222 31.73 -6.64 21.77
C VAL A 222 32.84 -6.42 20.75
N ARG A 223 33.24 -7.50 20.08
CA ARG A 223 34.43 -7.50 19.23
C ARG A 223 35.64 -6.98 20.01
N GLY A 224 35.81 -7.50 21.22
CA GLY A 224 36.98 -7.21 22.06
C GLY A 224 37.04 -5.81 22.64
N GLN A 225 35.89 -5.25 22.99
CA GLN A 225 35.84 -3.92 23.63
C GLN A 225 34.84 -3.89 24.77
N SER A 226 35.33 -3.61 25.98
CA SER A 226 34.48 -3.43 27.16
C SER A 226 34.12 -1.96 27.38
N GLY A 227 34.66 -1.07 26.56
CA GLY A 227 34.24 0.34 26.53
C GLY A 227 33.13 0.56 25.51
N ARG A 228 32.43 1.69 25.62
CA ARG A 228 31.31 2.02 24.74
C ARG A 228 31.38 3.45 24.21
N ILE A 229 30.65 3.71 23.13
CA ILE A 229 30.56 5.04 22.54
C ILE A 229 29.10 5.37 22.26
N SER A 230 28.50 6.25 23.06
CA SER A 230 27.08 6.61 22.88
C SER A 230 26.94 7.79 21.91
N ILE A 231 26.08 7.63 20.89
CA ILE A 231 25.94 8.64 19.83
C ILE A 231 24.73 9.52 20.07
N TYR A 232 24.91 10.82 19.81
CA TYR A 232 23.87 11.82 19.95
C TYR A 232 23.83 12.65 18.65
N TRP A 233 22.83 13.52 18.52
CA TRP A 233 22.71 14.34 17.32
C TRP A 233 22.20 15.73 17.65
N THR A 234 22.19 16.62 16.65
CA THR A 234 21.72 17.99 16.86
C THR A 234 21.35 18.63 15.52
N ILE A 235 20.22 19.35 15.51
CA ILE A 235 19.77 20.09 14.33
C ILE A 235 20.12 21.55 14.52
N VAL A 236 20.33 22.28 13.43
CA VAL A 236 20.61 23.71 13.51
C VAL A 236 19.87 24.48 12.44
N LYS A 237 18.95 25.36 12.85
CA LYS A 237 18.13 26.13 11.91
C LYS A 237 18.92 27.32 11.33
N PRO A 238 18.68 27.65 10.05
CA PRO A 238 19.34 28.78 9.39
C PRO A 238 19.34 30.04 10.25
N GLY A 239 20.51 30.65 10.42
CA GLY A 239 20.68 31.79 11.32
C GLY A 239 21.34 31.42 12.64
N ASP A 240 21.04 30.21 13.13
CA ASP A 240 21.52 29.73 14.43
C ASP A 240 23.00 29.32 14.33
N ILE A 241 23.64 29.16 15.49
CA ILE A 241 25.06 28.79 15.56
C ILE A 241 25.26 27.53 16.40
N LEU A 242 26.11 26.63 15.90
CA LEU A 242 26.51 25.43 16.65
C LEU A 242 27.66 25.75 17.63
N MET A 243 27.72 25.03 18.75
CA MET A 243 28.82 25.19 19.72
C MET A 243 29.06 23.90 20.51
N ILE A 244 30.34 23.56 20.69
CA ILE A 244 30.77 22.37 21.44
C ILE A 244 31.70 22.78 22.60
N ASN A 245 31.47 22.19 23.76
CA ASN A 245 32.32 22.41 24.92
C ASN A 245 32.67 21.06 25.53
N SER A 246 33.97 20.75 25.62
CA SER A 246 34.41 19.44 26.05
C SER A 246 35.65 19.47 26.96
N ASN A 247 35.41 19.13 28.23
CA ASN A 247 36.47 18.86 29.19
C ASN A 247 37.18 17.53 28.89
N GLY A 248 36.46 16.59 28.27
CA GLY A 248 37.00 15.26 27.96
C GLY A 248 35.98 14.29 27.36
N ASN A 249 36.49 13.26 26.69
CA ASN A 249 35.70 12.12 26.17
C ASN A 249 34.78 12.40 24.96
N LEU A 250 34.98 13.54 24.29
CA LEU A 250 34.19 13.88 23.11
C LEU A 250 34.65 13.09 21.89
N VAL A 251 33.69 12.59 21.10
CA VAL A 251 33.93 12.11 19.75
C VAL A 251 33.33 13.13 18.81
N ALA A 252 34.18 13.98 18.23
CA ALA A 252 33.73 15.15 17.49
C ALA A 252 33.14 14.80 16.13
N PRO A 253 32.39 15.74 15.52
CA PRO A 253 31.89 15.60 14.15
C PRO A 253 32.82 16.17 13.07
N ARG A 254 32.66 15.69 11.84
CA ARG A 254 33.45 16.16 10.70
C ARG A 254 32.67 17.09 9.76
N GLY A 255 31.44 17.42 10.13
CA GLY A 255 30.55 18.22 9.28
C GLY A 255 29.10 17.91 9.56
N TYR A 256 28.27 17.95 8.53
CA TYR A 256 26.83 17.78 8.69
C TYR A 256 26.19 16.99 7.56
N PHE A 257 25.00 16.48 7.85
CA PHE A 257 24.09 16.00 6.82
C PHE A 257 23.06 17.10 6.57
N LYS A 258 22.67 17.22 5.31
CA LYS A 258 21.68 18.20 4.90
C LYS A 258 20.31 17.53 4.91
N LEU A 259 19.33 18.17 5.55
CA LEU A 259 17.98 17.64 5.65
C LEU A 259 17.09 18.14 4.52
N ASN A 260 16.65 17.21 3.68
CA ASN A 260 15.65 17.47 2.65
C ASN A 260 14.30 16.98 3.12
N THR A 261 13.23 17.71 2.82
CA THR A 261 11.85 17.22 3.03
C THR A 261 11.56 16.20 1.94
N GLY A 262 11.73 14.94 2.30
CA GLY A 262 11.77 13.87 1.32
C GLY A 262 10.53 13.01 1.33
N LYS A 263 10.36 12.27 0.23
CA LYS A 263 9.38 11.20 0.13
C LYS A 263 10.10 9.87 0.31
N SER A 264 11.24 9.88 1.01
CA SER A 264 12.02 8.67 1.24
C SER A 264 11.64 7.96 2.53
N SER A 265 12.10 6.72 2.64
CA SER A 265 11.87 5.88 3.83
C SER A 265 12.79 4.66 3.85
N VAL A 266 12.58 3.83 4.86
CA VAL A 266 13.37 2.61 5.04
C VAL A 266 12.42 1.48 5.40
N MET A 267 12.80 0.26 5.01
CA MET A 267 11.98 -0.91 5.27
C MET A 267 12.86 -2.12 5.57
N ARG A 268 12.36 -3.02 6.41
CA ARG A 268 13.06 -4.28 6.73
C ARG A 268 12.56 -5.42 5.86
N SER A 269 13.36 -5.85 4.90
CA SER A 269 12.96 -6.93 3.99
C SER A 269 14.12 -7.88 3.76
N ASP A 270 13.80 -9.13 3.44
CA ASP A 270 14.83 -10.13 3.11
C ASP A 270 14.75 -10.66 1.69
N VAL A 271 13.78 -10.21 0.89
CA VAL A 271 13.62 -10.76 -0.46
C VAL A 271 14.59 -10.11 -1.46
N PRO A 272 15.05 -10.90 -2.47
CA PRO A 272 15.93 -10.34 -3.50
C PRO A 272 15.31 -9.19 -4.30
N ILE A 273 16.16 -8.26 -4.71
CA ILE A 273 15.75 -7.20 -5.62
C ILE A 273 15.95 -7.65 -7.05
N ASP A 274 15.04 -7.26 -7.94
CA ASP A 274 15.03 -7.77 -9.31
C ASP A 274 14.55 -6.72 -10.31
N ILE A 275 14.56 -7.10 -11.59
CA ILE A 275 14.29 -6.20 -12.73
C ILE A 275 12.83 -6.18 -13.22
N CYS A 276 11.89 -6.37 -12.30
CA CYS A 276 10.48 -6.16 -12.60
C CYS A 276 10.15 -4.68 -12.39
N VAL A 277 8.86 -4.33 -12.50
CA VAL A 277 8.39 -2.97 -12.22
C VAL A 277 7.11 -2.96 -11.39
N SER A 278 7.02 -2.02 -10.45
CA SER A 278 5.80 -1.79 -9.69
C SER A 278 5.82 -0.40 -9.03
N GLU A 279 4.68 -0.01 -8.47
CA GLU A 279 4.54 1.29 -7.81
C GLU A 279 4.39 1.17 -6.30
N CYS A 280 4.36 -0.05 -5.78
CA CYS A 280 4.23 -0.24 -4.33
C CYS A 280 5.04 -1.44 -3.82
N ILE A 281 5.56 -1.30 -2.61
CA ILE A 281 6.56 -2.21 -2.03
C ILE A 281 6.23 -2.64 -0.60
N THR A 282 6.35 -3.93 -0.33
CA THR A 282 6.20 -4.49 1.02
C THR A 282 7.38 -5.41 1.36
N PRO A 283 7.49 -5.83 2.64
CA PRO A 283 8.52 -6.80 3.03
C PRO A 283 8.46 -8.16 2.30
N ASN A 284 7.29 -8.55 1.81
CA ASN A 284 7.14 -9.82 1.09
C ASN A 284 7.59 -9.71 -0.37
N GLY A 285 7.75 -8.47 -0.83
CA GLY A 285 8.14 -8.19 -2.20
C GLY A 285 7.26 -7.07 -2.70
N SER A 286 7.48 -6.66 -3.94
CA SER A 286 6.57 -5.73 -4.59
C SER A 286 5.22 -6.42 -4.77
N ILE A 287 4.14 -5.64 -4.79
CA ILE A 287 2.80 -6.18 -5.04
C ILE A 287 2.09 -5.40 -6.13
N SER A 288 1.13 -6.06 -6.78
CA SER A 288 0.36 -5.44 -7.83
C SER A 288 -0.50 -4.31 -7.28
N ASN A 289 -0.58 -3.25 -8.07
CA ASN A 289 -1.18 -2.00 -7.65
C ASN A 289 -2.71 -1.96 -7.82
N ASP A 290 -3.22 -2.62 -8.86
CA ASP A 290 -4.57 -2.35 -9.38
C ASP A 290 -5.76 -2.56 -8.44
N LYS A 291 -5.70 -3.51 -7.53
CA LYS A 291 -6.83 -3.76 -6.62
C LYS A 291 -6.80 -2.82 -5.42
N PRO A 292 -7.98 -2.45 -4.88
CA PRO A 292 -8.06 -1.46 -3.80
C PRO A 292 -7.61 -1.96 -2.43
N PHE A 293 -7.53 -3.27 -2.24
CA PHE A 293 -7.19 -3.83 -0.95
C PHE A 293 -6.10 -4.89 -1.06
N GLN A 294 -5.61 -5.34 0.10
CA GLN A 294 -4.44 -6.19 0.18
C GLN A 294 -4.34 -6.93 1.52
N ASN A 295 -3.88 -8.18 1.45
CA ASN A 295 -3.70 -9.00 2.64
C ASN A 295 -2.24 -9.47 2.79
N VAL A 296 -1.34 -8.85 2.03
CA VAL A 296 0.07 -9.23 2.05
C VAL A 296 0.74 -8.80 3.35
N ASN A 297 0.84 -7.50 3.57
CA ASN A 297 1.52 -6.97 4.74
C ASN A 297 1.15 -5.53 5.03
N LYS A 298 0.84 -5.25 6.30
CA LYS A 298 0.53 -3.88 6.75
C LYS A 298 1.70 -2.90 6.61
N VAL A 299 2.91 -3.42 6.45
CA VAL A 299 4.07 -2.59 6.18
C VAL A 299 4.17 -2.39 4.68
N THR A 300 4.00 -1.15 4.21
CA THR A 300 4.17 -0.84 2.78
C THR A 300 4.77 0.54 2.48
N TYR A 301 5.17 0.73 1.23
CA TYR A 301 5.67 2.00 0.73
C TYR A 301 5.08 2.34 -0.65
N GLY A 302 4.96 3.63 -0.94
CA GLY A 302 4.56 4.09 -2.28
C GLY A 302 3.07 4.03 -2.56
N LYS A 303 2.72 4.23 -3.83
CA LYS A 303 1.32 4.19 -4.30
C LYS A 303 0.80 2.76 -4.24
N CYS A 304 -0.05 2.50 -3.24
CA CYS A 304 -0.13 1.16 -2.70
C CYS A 304 -1.52 0.89 -2.08
N PRO A 305 -2.14 -0.26 -2.39
CA PRO A 305 -3.45 -0.68 -1.83
C PRO A 305 -3.56 -0.63 -0.30
N LYS A 306 -4.79 -0.60 0.22
CA LYS A 306 -5.02 -0.61 1.66
C LYS A 306 -4.93 -2.04 2.17
N TYR A 307 -4.38 -2.22 3.37
CA TYR A 307 -4.26 -3.56 3.96
C TYR A 307 -5.48 -3.82 4.81
N ILE A 308 -6.04 -5.03 4.69
CA ILE A 308 -7.24 -5.43 5.43
C ILE A 308 -7.10 -6.87 5.89
N ARG A 309 -7.84 -7.22 6.93
CA ARG A 309 -7.72 -8.54 7.55
C ARG A 309 -8.14 -9.71 6.62
N GLN A 310 -9.12 -9.49 5.75
CA GLN A 310 -9.70 -10.59 4.94
C GLN A 310 -8.82 -10.91 3.74
N ASN A 311 -8.82 -12.18 3.33
CA ASN A 311 -7.94 -12.64 2.25
C ASN A 311 -8.61 -12.69 0.87
N THR A 312 -9.91 -12.43 0.82
CA THR A 312 -10.67 -12.38 -0.44
C THR A 312 -12.04 -11.68 -0.26
N LEU A 313 -12.33 -10.74 -1.14
CA LEU A 313 -13.62 -10.04 -1.14
C LEU A 313 -14.09 -9.86 -2.57
N LYS A 314 -14.96 -10.76 -3.02
CA LYS A 314 -15.39 -10.75 -4.40
C LYS A 314 -16.59 -9.84 -4.59
N LEU A 315 -16.40 -8.85 -5.47
CA LEU A 315 -17.44 -7.92 -5.87
C LEU A 315 -18.09 -8.42 -7.16
N ALA A 316 -19.39 -8.67 -7.11
CA ALA A 316 -20.11 -9.23 -8.25
C ALA A 316 -20.09 -8.26 -9.41
N THR A 317 -19.71 -8.78 -10.57
CA THR A 317 -19.60 -8.03 -11.81
C THR A 317 -20.59 -8.53 -12.86
N GLY A 318 -21.56 -9.34 -12.41
CA GLY A 318 -22.65 -9.80 -13.29
C GLY A 318 -23.92 -10.12 -12.52
N MET A 319 -24.97 -10.53 -13.23
CA MET A 319 -26.26 -10.80 -12.59
C MET A 319 -26.26 -12.12 -11.83
N ARG A 320 -27.38 -12.37 -11.18
CA ARG A 320 -27.66 -13.59 -10.48
C ARG A 320 -27.73 -14.71 -11.50
N ASN A 321 -27.00 -15.79 -11.27
CA ASN A 321 -26.93 -16.91 -12.19
C ASN A 321 -27.99 -17.95 -11.84
N VAL A 322 -28.94 -18.18 -12.75
CA VAL A 322 -30.05 -19.08 -12.51
C VAL A 322 -30.12 -20.13 -13.61
N PRO A 323 -29.39 -21.24 -13.45
CA PRO A 323 -29.37 -22.30 -14.47
C PRO A 323 -30.65 -23.11 -14.42
N GLU A 324 -30.92 -23.88 -15.48
CA GLU A 324 -32.16 -24.64 -15.56
C GLU A 324 -32.20 -25.74 -14.49
N LYS A 325 -33.35 -25.86 -13.80
CA LYS A 325 -33.50 -26.77 -12.66
C LYS A 325 -33.91 -28.19 -13.08
N GLN A 326 -33.31 -29.20 -12.45
CA GLN A 326 -33.58 -30.61 -12.75
C GLN A 326 -34.62 -31.21 -11.81
N GLY B 1 -34.08 -10.67 -6.92
CA GLY B 1 -34.03 -9.26 -6.43
C GLY B 1 -35.38 -8.71 -6.05
N ILE B 2 -35.46 -7.39 -6.03
CA ILE B 2 -36.66 -6.69 -5.58
C ILE B 2 -37.77 -6.60 -6.63
N PHE B 3 -37.46 -6.95 -7.87
CA PHE B 3 -38.45 -6.84 -8.92
C PHE B 3 -39.11 -8.15 -9.21
N GLY B 4 -38.56 -9.22 -8.65
CA GLY B 4 -39.13 -10.56 -8.82
C GLY B 4 -39.03 -11.11 -10.23
N ALA B 5 -38.17 -10.49 -11.05
CA ALA B 5 -38.02 -10.90 -12.44
C ALA B 5 -36.97 -11.99 -12.52
N ILE B 6 -35.69 -11.63 -12.43
CA ILE B 6 -34.62 -12.64 -12.43
C ILE B 6 -34.75 -13.46 -11.16
N ALA B 7 -34.57 -14.76 -11.28
CA ALA B 7 -34.75 -15.68 -10.17
C ALA B 7 -36.16 -15.58 -9.59
N GLY B 8 -37.12 -15.25 -10.45
CA GLY B 8 -38.49 -15.04 -10.03
C GLY B 8 -39.44 -15.48 -11.11
N PHE B 9 -40.21 -14.56 -11.68
CA PHE B 9 -41.21 -14.94 -12.65
C PHE B 9 -40.58 -15.35 -13.97
N ILE B 10 -39.32 -14.98 -14.19
CA ILE B 10 -38.54 -15.62 -15.20
C ILE B 10 -37.96 -16.82 -14.52
N GLU B 11 -38.43 -18.00 -14.88
CA GLU B 11 -38.10 -19.21 -14.12
C GLU B 11 -36.58 -19.47 -14.07
N ASN B 12 -35.90 -19.33 -15.21
CA ASN B 12 -34.47 -19.50 -15.26
C ASN B 12 -33.82 -18.80 -16.46
N GLY B 13 -32.50 -18.72 -16.42
CA GLY B 13 -31.72 -18.07 -17.47
C GLY B 13 -31.35 -19.01 -18.60
N TRP B 14 -30.87 -18.43 -19.68
CA TRP B 14 -30.58 -19.17 -20.89
C TRP B 14 -29.08 -19.25 -21.10
N GLU B 15 -28.52 -20.45 -20.97
CA GLU B 15 -27.11 -20.64 -21.25
C GLU B 15 -26.81 -20.43 -22.73
N GLY B 16 -27.83 -20.58 -23.57
CA GLY B 16 -27.69 -20.42 -25.02
C GLY B 16 -27.62 -18.97 -25.51
N MET B 17 -27.99 -18.04 -24.63
CA MET B 17 -27.92 -16.62 -24.94
C MET B 17 -26.48 -16.14 -24.77
N VAL B 18 -25.77 -16.04 -25.88
CA VAL B 18 -24.38 -15.59 -25.89
C VAL B 18 -24.19 -14.21 -26.54
N ASP B 19 -25.10 -13.84 -27.43
CA ASP B 19 -25.15 -12.47 -27.99
C ASP B 19 -25.16 -11.37 -26.95
N GLY B 20 -25.79 -11.63 -25.80
CA GLY B 20 -25.87 -10.60 -24.75
C GLY B 20 -26.36 -11.12 -23.41
N TRP B 21 -26.86 -10.20 -22.58
CA TRP B 21 -27.29 -10.50 -21.23
C TRP B 21 -28.80 -10.60 -21.16
N TYR B 22 -29.49 -9.94 -22.08
CA TYR B 22 -30.95 -9.99 -22.14
C TYR B 22 -31.45 -10.18 -23.58
N GLY B 23 -32.62 -10.79 -23.72
CA GLY B 23 -33.23 -10.87 -25.03
C GLY B 23 -34.49 -11.70 -25.09
N PHE B 24 -34.87 -12.03 -26.33
CA PHE B 24 -36.10 -12.72 -26.61
C PHE B 24 -35.85 -14.10 -27.22
N ARG B 25 -36.78 -15.01 -26.97
CA ARG B 25 -36.97 -16.19 -27.81
C ARG B 25 -38.40 -16.12 -28.30
N TYR B 26 -38.70 -16.74 -29.42
CA TYR B 26 -40.05 -16.63 -29.94
C TYR B 26 -40.46 -17.81 -30.79
N GLN B 27 -41.71 -17.79 -31.21
CA GLN B 27 -42.28 -18.87 -31.98
C GLN B 27 -43.36 -18.32 -32.89
N ASN B 28 -43.11 -18.31 -34.20
CA ASN B 28 -44.01 -17.65 -35.12
C ASN B 28 -44.25 -18.46 -36.38
N SER B 29 -44.97 -17.86 -37.33
CA SER B 29 -45.23 -18.48 -38.62
C SER B 29 -43.96 -18.97 -39.32
N GLU B 30 -42.83 -18.30 -39.09
CA GLU B 30 -41.58 -18.64 -39.76
C GLU B 30 -40.62 -19.54 -38.98
N GLY B 31 -41.08 -20.13 -37.88
CA GLY B 31 -40.24 -21.01 -37.07
C GLY B 31 -40.00 -20.48 -35.68
N THR B 32 -38.87 -20.89 -35.09
CA THR B 32 -38.49 -20.46 -33.75
C THR B 32 -37.26 -19.58 -33.85
N GLY B 33 -37.08 -18.71 -32.86
CA GLY B 33 -35.95 -17.80 -32.87
C GLY B 33 -35.44 -17.37 -31.51
N GLN B 34 -34.19 -16.94 -31.49
CA GLN B 34 -33.59 -16.29 -30.36
C GLN B 34 -32.87 -15.03 -30.85
N ALA B 35 -32.77 -14.02 -29.97
CA ALA B 35 -32.08 -12.78 -30.27
C ALA B 35 -31.77 -12.01 -28.99
N ALA B 36 -30.70 -11.23 -28.99
CA ALA B 36 -30.35 -10.42 -27.82
C ALA B 36 -30.99 -9.04 -27.88
N ASP B 37 -30.94 -8.32 -26.76
CA ASP B 37 -31.26 -6.91 -26.76
C ASP B 37 -30.04 -6.13 -26.28
N LEU B 38 -29.47 -5.33 -27.18
CA LEU B 38 -28.24 -4.60 -26.86
C LEU B 38 -28.47 -3.48 -25.87
N LYS B 39 -29.44 -2.64 -26.17
CA LYS B 39 -29.73 -1.48 -25.33
C LYS B 39 -29.70 -1.85 -23.87
N SER B 40 -30.52 -2.83 -23.50
CA SER B 40 -30.62 -3.26 -22.10
C SER B 40 -29.34 -3.89 -21.56
N THR B 41 -28.76 -4.80 -22.33
CA THR B 41 -27.48 -5.41 -21.94
C THR B 41 -26.46 -4.33 -21.66
N GLN B 42 -26.29 -3.41 -22.60
CA GLN B 42 -25.30 -2.35 -22.48
C GLN B 42 -25.65 -1.37 -21.34
N ALA B 43 -26.94 -1.19 -21.07
CA ALA B 43 -27.37 -0.39 -19.92
C ALA B 43 -26.91 -0.97 -18.59
N ALA B 44 -26.90 -2.30 -18.50
CA ALA B 44 -26.47 -2.98 -17.27
C ALA B 44 -24.97 -2.90 -17.16
N ILE B 45 -24.28 -3.37 -18.18
CA ILE B 45 -22.82 -3.36 -18.24
C ILE B 45 -22.20 -1.97 -17.99
N ASP B 46 -22.79 -0.93 -18.57
CA ASP B 46 -22.29 0.43 -18.36
C ASP B 46 -22.27 0.79 -16.90
N GLN B 47 -23.26 0.31 -16.16
CA GLN B 47 -23.32 0.59 -14.74
C GLN B 47 -22.25 -0.15 -13.96
N ILE B 48 -22.16 -1.46 -14.14
CA ILE B 48 -21.16 -2.24 -13.43
C ILE B 48 -19.76 -1.67 -13.68
N ASN B 49 -19.48 -1.27 -14.91
CA ASN B 49 -18.19 -0.65 -15.18
C ASN B 49 -18.05 0.68 -14.45
N GLY B 50 -19.17 1.40 -14.32
CA GLY B 50 -19.24 2.56 -13.43
C GLY B 50 -18.73 2.20 -12.05
N LYS B 51 -19.31 1.15 -11.48
CA LYS B 51 -18.88 0.65 -10.18
C LYS B 51 -17.40 0.34 -10.18
N LEU B 52 -16.98 -0.58 -11.04
CA LEU B 52 -15.57 -0.94 -11.11
C LEU B 52 -14.70 0.30 -11.08
N ASN B 53 -14.76 1.11 -12.12
CA ASN B 53 -13.98 2.36 -12.20
C ASN B 53 -13.87 3.11 -10.90
N ARG B 54 -14.97 3.18 -10.16
CA ARG B 54 -15.00 3.90 -8.90
C ARG B 54 -14.09 3.22 -7.90
N VAL B 55 -14.23 1.90 -7.78
CA VAL B 55 -13.50 1.14 -6.78
C VAL B 55 -12.07 0.80 -7.21
N ILE B 56 -11.88 0.39 -8.46
CA ILE B 56 -10.56 -0.07 -8.94
C ILE B 56 -9.69 1.08 -9.43
N GLU B 57 -8.38 0.93 -9.21
CA GLU B 57 -7.33 1.82 -9.76
C GLU B 57 -7.31 3.22 -9.13
N ARG B 58 -7.85 3.35 -7.91
CA ARG B 58 -7.91 4.65 -7.22
C ARG B 58 -7.01 4.62 -5.97
N THR B 59 -5.72 4.41 -6.19
CA THR B 59 -4.74 4.22 -5.11
C THR B 59 -4.03 5.55 -4.77
N ASN B 60 -3.52 5.65 -3.54
CA ASN B 60 -2.86 6.87 -3.06
C ASN B 60 -1.40 6.63 -2.67
N GLU B 61 -0.53 7.56 -3.06
CA GLU B 61 0.88 7.49 -2.67
C GLU B 61 1.02 7.75 -1.17
N LYS B 62 1.67 6.81 -0.48
CA LYS B 62 2.07 6.97 0.91
C LYS B 62 3.53 6.57 1.06
N PHE B 63 4.27 7.34 1.84
CA PHE B 63 5.72 7.17 1.93
C PHE B 63 6.15 6.75 3.35
N HIS B 64 7.07 7.50 3.96
CA HIS B 64 7.55 7.16 5.29
C HIS B 64 6.44 7.30 6.31
N GLN B 65 6.29 6.30 7.16
CA GLN B 65 5.24 6.27 8.17
C GLN B 65 5.83 5.78 9.48
N ILE B 66 5.06 5.05 10.28
CA ILE B 66 5.54 4.49 11.53
C ILE B 66 6.01 3.06 11.35
N GLU B 67 6.62 2.51 12.38
CA GLU B 67 6.92 1.09 12.43
C GLU B 67 5.69 0.36 12.95
N LYS B 68 5.48 -0.86 12.45
CA LYS B 68 4.31 -1.65 12.78
C LYS B 68 4.67 -3.02 13.33
N GLU B 69 5.96 -3.29 13.49
CA GLU B 69 6.42 -4.54 14.09
C GLU B 69 7.75 -4.28 14.79
N PHE B 70 7.91 -4.86 15.97
CA PHE B 70 9.06 -4.57 16.82
C PHE B 70 9.66 -5.83 17.42
N SER B 71 10.96 -5.78 17.73
CA SER B 71 11.68 -6.91 18.35
C SER B 71 11.87 -6.71 19.86
N GLU B 72 12.27 -5.50 20.26
CA GLU B 72 12.50 -5.18 21.67
C GLU B 72 11.18 -4.84 22.36
N VAL B 73 11.04 -5.27 23.60
CA VAL B 73 9.88 -4.94 24.44
C VAL B 73 10.06 -3.55 25.05
N GLU B 74 9.13 -2.64 24.77
CA GLU B 74 9.30 -1.23 25.13
C GLU B 74 8.25 -0.68 26.09
N GLY B 75 6.98 -0.94 25.81
CA GLY B 75 5.90 -0.51 26.70
C GLY B 75 4.95 0.51 26.10
N ARG B 76 4.84 1.67 26.75
CA ARG B 76 3.76 2.63 26.47
C ARG B 76 3.75 3.22 25.06
N ILE B 77 4.87 3.22 24.37
CA ILE B 77 4.95 3.78 23.01
C ILE B 77 4.62 2.73 21.97
N GLN B 78 5.28 1.58 22.05
CA GLN B 78 5.02 0.45 21.16
C GLN B 78 3.58 -0.01 21.27
N ASP B 79 3.05 -0.03 22.50
CA ASP B 79 1.64 -0.32 22.73
C ASP B 79 0.75 0.60 21.90
N LEU B 80 1.04 1.90 21.98
CA LEU B 80 0.29 2.93 21.26
C LEU B 80 0.40 2.76 19.75
N GLU B 81 1.61 2.51 19.27
CA GLU B 81 1.84 2.30 17.84
C GLU B 81 1.09 1.07 17.32
N LYS B 82 1.08 -0.01 18.09
CA LYS B 82 0.40 -1.23 17.68
C LYS B 82 -1.10 -1.00 17.63
N TYR B 83 -1.66 -0.62 18.77
CA TYR B 83 -3.09 -0.30 18.87
C TYR B 83 -3.55 0.66 17.77
N VAL B 84 -2.77 1.72 17.53
CA VAL B 84 -3.07 2.69 16.46
C VAL B 84 -3.16 2.01 15.07
N GLU B 85 -2.17 1.21 14.71
CA GLU B 85 -2.19 0.50 13.44
C GLU B 85 -3.32 -0.52 13.45
N ASP B 86 -3.36 -1.32 14.50
CA ASP B 86 -4.45 -2.28 14.75
C ASP B 86 -5.83 -1.67 14.44
N THR B 87 -6.05 -0.45 14.90
CA THR B 87 -7.32 0.24 14.72
C THR B 87 -7.60 0.59 13.26
N LYS B 88 -6.62 1.21 12.61
CA LYS B 88 -6.69 1.52 11.19
C LYS B 88 -7.18 0.30 10.42
N ILE B 89 -6.44 -0.80 10.56
CA ILE B 89 -6.71 -2.03 9.82
C ILE B 89 -8.15 -2.50 10.00
N ASP B 90 -8.58 -2.59 11.25
CA ASP B 90 -9.94 -3.00 11.58
C ASP B 90 -10.98 -2.11 10.92
N LEU B 91 -10.80 -0.79 11.08
CA LEU B 91 -11.72 0.16 10.50
C LEU B 91 -11.77 0.00 8.98
N TRP B 92 -10.63 -0.04 8.31
CA TRP B 92 -10.63 -0.27 6.87
C TRP B 92 -11.21 -1.63 6.50
N SER B 93 -10.88 -2.67 7.27
CA SER B 93 -11.42 -4.00 6.99
C SER B 93 -12.95 -4.01 6.98
N TYR B 94 -13.56 -3.26 7.89
CA TYR B 94 -15.02 -3.13 7.92
C TYR B 94 -15.54 -2.42 6.67
N ASN B 95 -14.87 -1.36 6.25
CA ASN B 95 -15.29 -0.62 5.07
C ASN B 95 -15.33 -1.54 3.86
N ALA B 96 -14.26 -2.29 3.65
CA ALA B 96 -14.18 -3.20 2.52
C ALA B 96 -15.26 -4.29 2.57
N GLU B 97 -15.60 -4.76 3.76
CA GLU B 97 -16.65 -5.75 3.90
C GLU B 97 -17.95 -5.11 3.50
N LEU B 98 -18.38 -4.09 4.24
CA LEU B 98 -19.61 -3.42 3.91
C LEU B 98 -19.68 -3.01 2.45
N LEU B 99 -18.58 -2.54 1.89
CA LEU B 99 -18.60 -2.12 0.48
C LEU B 99 -19.14 -3.21 -0.43
N VAL B 100 -18.45 -4.34 -0.49
CA VAL B 100 -18.89 -5.40 -1.38
C VAL B 100 -20.32 -5.81 -1.08
N ALA B 101 -20.67 -5.87 0.19
CA ALA B 101 -22.04 -6.21 0.58
C ALA B 101 -23.02 -5.26 -0.08
N LEU B 102 -22.81 -3.96 0.11
CA LEU B 102 -23.69 -2.96 -0.48
C LEU B 102 -23.72 -3.14 -1.98
N GLU B 103 -22.56 -3.01 -2.60
CA GLU B 103 -22.47 -3.04 -4.05
C GLU B 103 -23.22 -4.25 -4.58
N ASN B 104 -22.88 -5.43 -4.10
CA ASN B 104 -23.46 -6.64 -4.64
C ASN B 104 -24.98 -6.67 -4.52
N GLN B 105 -25.51 -6.37 -3.35
CA GLN B 105 -26.96 -6.26 -3.21
C GLN B 105 -27.49 -5.34 -4.31
N HIS B 106 -26.82 -4.21 -4.53
CA HIS B 106 -27.21 -3.26 -5.56
C HIS B 106 -27.05 -3.83 -6.96
N THR B 107 -25.91 -4.44 -7.23
CA THR B 107 -25.69 -5.06 -8.53
C THR B 107 -26.80 -6.04 -8.87
N ILE B 108 -27.18 -6.90 -7.93
CA ILE B 108 -28.27 -7.84 -8.17
C ILE B 108 -29.52 -7.08 -8.56
N ASP B 109 -29.93 -6.15 -7.71
CA ASP B 109 -31.19 -5.46 -7.94
C ASP B 109 -31.12 -4.72 -9.26
N LEU B 110 -30.01 -4.03 -9.47
CA LEU B 110 -29.75 -3.31 -10.70
C LEU B 110 -30.02 -4.17 -11.93
N THR B 111 -29.49 -5.38 -11.95
CA THR B 111 -29.67 -6.32 -13.06
C THR B 111 -31.11 -6.83 -13.14
N ASP B 112 -31.73 -7.04 -11.99
CA ASP B 112 -33.15 -7.43 -11.93
C ASP B 112 -34.02 -6.32 -12.55
N ALA B 113 -33.75 -5.09 -12.14
CA ALA B 113 -34.46 -3.96 -12.68
C ALA B 113 -34.44 -4.01 -14.19
N GLU B 114 -33.26 -4.10 -14.78
CA GLU B 114 -33.16 -4.06 -16.24
C GLU B 114 -33.96 -5.16 -16.92
N MET B 115 -34.13 -6.29 -16.23
CA MET B 115 -34.96 -7.36 -16.75
C MET B 115 -36.42 -6.95 -16.75
N ASN B 116 -36.86 -6.30 -15.68
CA ASN B 116 -38.23 -5.83 -15.65
C ASN B 116 -38.45 -4.70 -16.65
N LYS B 117 -37.45 -3.85 -16.86
CA LYS B 117 -37.61 -2.73 -17.79
C LYS B 117 -37.91 -3.21 -19.20
N LEU B 118 -37.08 -4.13 -19.70
CA LEU B 118 -37.25 -4.62 -21.05
C LEU B 118 -38.57 -5.32 -21.18
N PHE B 119 -39.03 -5.94 -20.10
CA PHE B 119 -40.34 -6.59 -20.13
C PHE B 119 -41.46 -5.58 -20.29
N GLU B 120 -41.55 -4.64 -19.35
CA GLU B 120 -42.61 -3.65 -19.41
C GLU B 120 -42.54 -2.92 -20.75
N LYS B 121 -41.35 -2.50 -21.15
CA LYS B 121 -41.17 -1.79 -22.41
C LYS B 121 -41.85 -2.55 -23.56
N THR B 122 -41.50 -3.82 -23.68
CA THR B 122 -42.09 -4.70 -24.67
C THR B 122 -43.58 -4.77 -24.53
N ARG B 123 -44.04 -5.06 -23.30
CA ARG B 123 -45.47 -5.12 -23.02
C ARG B 123 -46.15 -3.91 -23.59
N ARG B 124 -45.61 -2.74 -23.28
CA ARG B 124 -46.23 -1.49 -23.69
C ARG B 124 -46.35 -1.33 -25.19
N GLN B 125 -45.40 -1.90 -25.95
CA GLN B 125 -45.50 -1.87 -27.41
C GLN B 125 -46.67 -2.66 -27.89
N LEU B 126 -46.87 -3.84 -27.33
CA LEU B 126 -47.89 -4.75 -27.82
C LEU B 126 -49.31 -4.25 -27.59
N ARG B 127 -49.48 -3.42 -26.56
CA ARG B 127 -50.76 -2.82 -26.27
C ARG B 127 -51.82 -3.93 -26.17
N GLU B 128 -52.93 -3.86 -26.91
CA GLU B 128 -54.01 -4.85 -26.79
C GLU B 128 -53.81 -6.12 -27.62
N ASN B 129 -52.66 -6.25 -28.28
CA ASN B 129 -52.49 -7.34 -29.25
C ASN B 129 -51.93 -8.64 -28.64
N ALA B 130 -51.66 -8.64 -27.33
CA ALA B 130 -51.00 -9.78 -26.66
C ALA B 130 -51.37 -9.87 -25.17
N GLU B 131 -51.05 -11.00 -24.53
CA GLU B 131 -51.35 -11.19 -23.10
C GLU B 131 -50.15 -11.76 -22.35
N ASP B 132 -49.86 -11.23 -21.18
CA ASP B 132 -48.79 -11.73 -20.32
C ASP B 132 -49.15 -13.14 -19.90
N MET B 133 -48.31 -14.11 -20.24
CA MET B 133 -48.54 -15.50 -19.86
C MET B 133 -48.04 -15.80 -18.45
N GLY B 134 -47.28 -14.85 -17.89
CA GLY B 134 -46.85 -14.90 -16.50
C GLY B 134 -45.55 -15.65 -16.28
N ASP B 135 -44.92 -16.07 -17.37
CA ASP B 135 -43.66 -16.79 -17.31
C ASP B 135 -42.60 -15.96 -18.00
N GLY B 136 -42.91 -14.70 -18.26
CA GLY B 136 -42.05 -13.85 -19.07
C GLY B 136 -42.29 -13.95 -20.55
N CYS B 137 -43.45 -14.49 -20.96
CA CYS B 137 -43.80 -14.60 -22.37
C CYS B 137 -45.11 -13.93 -22.66
N PHE B 138 -45.20 -13.33 -23.84
CA PHE B 138 -46.45 -12.83 -24.33
C PHE B 138 -47.01 -13.73 -25.40
N LYS B 139 -48.28 -14.14 -25.25
CA LYS B 139 -48.99 -14.69 -26.38
C LYS B 139 -49.46 -13.53 -27.23
N ILE B 140 -48.96 -13.48 -28.44
CA ILE B 140 -49.38 -12.48 -29.41
C ILE B 140 -50.49 -13.09 -30.25
N TYR B 141 -51.63 -12.41 -30.30
CA TYR B 141 -52.85 -12.98 -30.88
C TYR B 141 -53.02 -12.67 -32.35
N HIS B 142 -51.93 -12.69 -33.11
CA HIS B 142 -51.98 -12.49 -34.55
C HIS B 142 -50.73 -13.02 -35.21
N LYS B 143 -50.83 -13.38 -36.48
CA LYS B 143 -49.65 -13.83 -37.21
C LYS B 143 -48.59 -12.75 -37.17
N CYS B 144 -47.42 -13.11 -36.65
CA CYS B 144 -46.32 -12.19 -36.49
C CYS B 144 -45.02 -12.84 -36.98
N ASP B 145 -44.75 -12.69 -38.28
CA ASP B 145 -43.55 -13.23 -38.89
C ASP B 145 -42.28 -12.56 -38.35
N ASN B 146 -41.13 -12.95 -38.88
CA ASN B 146 -39.86 -12.46 -38.37
C ASN B 146 -39.66 -10.96 -38.50
N ALA B 147 -40.25 -10.37 -39.55
CA ALA B 147 -40.18 -8.92 -39.75
C ALA B 147 -41.02 -8.19 -38.71
N CYS B 148 -42.20 -8.73 -38.45
CA CYS B 148 -43.08 -8.24 -37.38
C CYS B 148 -42.36 -8.27 -36.03
N ILE B 149 -41.82 -9.43 -35.69
CA ILE B 149 -41.06 -9.59 -34.47
C ILE B 149 -39.89 -8.61 -34.43
N GLU B 150 -39.12 -8.61 -35.51
CA GLU B 150 -38.04 -7.66 -35.65
C GLU B 150 -38.53 -6.30 -35.21
N SER B 151 -39.65 -5.86 -35.79
CA SER B 151 -40.23 -4.55 -35.47
C SER B 151 -40.34 -4.35 -33.98
N ILE B 152 -40.80 -5.38 -33.27
CA ILE B 152 -40.90 -5.33 -31.83
C ILE B 152 -39.52 -5.12 -31.19
N ARG B 153 -38.55 -5.93 -31.57
CA ARG B 153 -37.18 -5.79 -31.04
C ARG B 153 -36.59 -4.43 -31.39
N THR B 154 -36.93 -3.93 -32.58
CA THR B 154 -36.47 -2.63 -33.05
C THR B 154 -37.13 -1.47 -32.29
N GLY B 155 -38.33 -1.71 -31.77
CA GLY B 155 -39.12 -0.66 -31.15
C GLY B 155 -40.05 0.02 -32.12
N THR B 156 -40.17 -0.53 -33.33
CA THR B 156 -40.94 0.09 -34.43
C THR B 156 -42.27 -0.59 -34.72
N TYR B 157 -42.75 -1.41 -33.80
CA TYR B 157 -43.98 -2.17 -33.99
C TYR B 157 -45.20 -1.25 -33.93
N ASP B 158 -46.03 -1.29 -34.96
CA ASP B 158 -47.24 -0.47 -35.00
C ASP B 158 -48.44 -1.37 -34.72
N HIS B 159 -49.02 -1.20 -33.55
CA HIS B 159 -50.12 -2.07 -33.15
C HIS B 159 -51.41 -1.77 -33.92
N TYR B 160 -51.65 -0.52 -34.30
CA TYR B 160 -52.96 -0.15 -34.89
C TYR B 160 -53.30 -1.04 -36.10
N ILE B 161 -52.30 -1.60 -36.79
CA ILE B 161 -52.57 -2.40 -38.00
C ILE B 161 -52.89 -3.87 -37.75
N TYR B 162 -52.53 -4.40 -36.60
CA TYR B 162 -52.96 -5.77 -36.24
C TYR B 162 -54.16 -5.77 -35.29
N ARG B 163 -54.42 -4.64 -34.63
CA ARG B 163 -55.42 -4.53 -33.56
C ARG B 163 -56.71 -5.30 -33.83
N ASP B 164 -57.37 -5.02 -34.97
CA ASP B 164 -58.62 -5.69 -35.31
C ASP B 164 -58.45 -7.21 -35.29
N GLU B 165 -57.39 -7.70 -35.93
CA GLU B 165 -57.10 -9.13 -36.00
C GLU B 165 -56.88 -9.71 -34.60
N ALA B 166 -56.02 -9.06 -33.83
CA ALA B 166 -55.69 -9.55 -32.49
C ALA B 166 -56.93 -9.62 -31.60
N LEU B 167 -57.65 -8.51 -31.53
CA LEU B 167 -58.88 -8.41 -30.75
C LEU B 167 -59.85 -9.52 -31.13
N ASN B 168 -59.97 -9.79 -32.43
CA ASN B 168 -60.77 -10.91 -32.89
C ASN B 168 -60.43 -12.19 -32.17
N ASN B 169 -59.17 -12.57 -32.26
CA ASN B 169 -58.70 -13.84 -31.73
C ASN B 169 -58.74 -13.87 -30.22
N ARG B 170 -58.52 -12.71 -29.59
CA ARG B 170 -58.58 -12.61 -28.14
C ARG B 170 -59.97 -12.90 -27.60
N PHE B 171 -61.02 -12.54 -28.32
CA PHE B 171 -62.36 -12.56 -27.74
C PHE B 171 -63.43 -13.33 -28.50
N GLN B 172 -63.44 -14.66 -28.35
CA GLN B 172 -64.58 -15.51 -28.75
C GLN B 172 -64.49 -16.92 -28.09
N SER B 173 -65.46 -17.79 -28.37
CA SER B 173 -65.59 -19.09 -27.65
C SER B 173 -64.37 -20.06 -27.77
N GLY B 174 -64.14 -20.72 -28.91
CA GLY B 174 -64.94 -20.70 -30.13
C GLY B 174 -65.81 -21.95 -30.25
C1 NAG C . 28.93 -9.51 3.52
C2 NAG C . 29.95 -9.87 2.42
C3 NAG C . 30.17 -11.39 2.29
C4 NAG C . 30.29 -12.09 3.64
C5 NAG C . 29.12 -11.64 4.51
C6 NAG C . 29.05 -12.32 5.88
C7 NAG C . 29.57 -8.01 0.86
C8 NAG C . 29.09 -7.57 -0.49
N2 NAG C . 29.52 -9.32 1.14
O3 NAG C . 31.34 -11.58 1.52
O4 NAG C . 30.20 -13.50 3.54
O5 NAG C . 29.23 -10.25 4.69
O6 NAG C . 30.29 -12.22 6.55
O7 NAG C . 29.99 -7.16 1.66
C1 NAG C . 31.43 -14.21 3.24
C2 NAG C . 32.33 -14.44 4.45
C3 NAG C . 31.79 -15.52 5.41
C4 NAG C . 30.50 -16.16 4.91
C5 NAG C . 30.60 -16.51 3.43
C6 NAG C . 29.25 -16.97 2.86
C7 NAG C . 34.81 -14.54 4.58
C8 NAG C . 36.07 -15.02 3.91
N2 NAG C . 33.66 -14.83 3.96
O3 NAG C . 31.58 -14.96 6.70
O4 NAG C . 30.27 -17.34 5.64
O5 NAG C . 31.14 -15.46 2.62
O6 NAG C . 28.44 -15.87 2.50
O7 NAG C . 34.89 -13.92 5.64
C1 NAG D . -15.64 -12.08 -15.66
C2 NAG D . -15.53 -11.32 -16.97
C3 NAG D . -14.09 -11.24 -17.47
C4 NAG D . -13.06 -11.02 -16.36
C5 NAG D . -13.36 -11.87 -15.12
C6 NAG D . -12.35 -11.57 -14.01
C7 NAG D . -17.09 -11.29 -18.89
C8 NAG D . -17.26 -9.80 -18.79
N2 NAG D . -16.29 -11.95 -18.03
O3 NAG D . -14.05 -10.14 -18.35
O4 NAG D . -11.76 -11.30 -16.86
O5 NAG D . -14.69 -11.62 -14.72
O6 NAG D . -12.89 -11.59 -12.71
O7 NAG D . -17.70 -11.90 -19.76
C1 NAG D . -11.11 -10.11 -17.38
C2 NAG D . -9.58 -10.01 -17.33
C3 NAG D . -9.03 -8.58 -17.52
C4 NAG D . -9.99 -7.57 -18.15
C5 NAG D . -11.46 -7.78 -17.77
C6 NAG D . -12.38 -6.83 -18.53
C7 NAG D . -8.93 -12.00 -16.01
C8 NAG D . -8.29 -12.53 -14.75
N2 NAG D . -8.99 -10.67 -16.15
O3 NAG D . -7.85 -8.64 -18.31
O4 NAG D . -9.61 -6.27 -17.78
O5 NAG D . -11.83 -9.10 -18.08
O6 NAG D . -11.75 -5.60 -18.83
O7 NAG D . -9.36 -12.80 -16.83
C1 NAG E . 33.54 30.40 22.99
C2 NAG E . 33.47 31.71 23.76
C3 NAG E . 32.41 32.66 23.20
C4 NAG E . 32.65 32.87 21.71
C5 NAG E . 32.73 31.53 20.99
C6 NAG E . 33.14 31.75 19.53
C7 NAG E . 34.13 31.30 26.11
C8 NAG E . 35.60 31.22 25.80
N2 NAG E . 33.21 31.51 25.18
O3 NAG E . 32.53 33.89 23.87
O4 NAG E . 31.62 33.67 21.15
O5 NAG E . 33.67 30.68 21.60
O6 NAG E . 34.41 31.24 19.27
O7 NAG E . 33.78 31.14 27.29
C1 NAG E . 32.04 35.05 20.91
C2 NAG E . 31.53 35.54 19.54
C3 NAG E . 30.45 36.62 19.65
C4 NAG E . 30.85 37.78 20.59
C5 NAG E . 31.80 37.27 21.69
C6 NAG E . 31.63 38.04 23.00
C7 NAG E . 32.76 35.87 17.41
C8 NAG E . 33.95 36.50 16.77
N2 NAG E . 32.64 36.06 18.73
O3 NAG E . 29.25 36.02 20.08
O4 NAG E . 31.52 38.79 19.85
O5 NAG E . 31.55 35.91 21.93
O6 NAG E . 32.40 37.39 23.98
O7 NAG E . 31.97 35.21 16.74
C1 BMA E . 30.82 40.05 19.60
C2 BMA E . 30.06 40.77 20.73
C3 BMA E . 29.65 42.17 20.27
C4 BMA E . 28.86 42.10 18.97
C5 BMA E . 29.55 41.25 17.88
C6 BMA E . 29.83 42.12 16.64
O2 BMA E . 30.90 40.87 21.87
O3 BMA E . 30.81 43.00 20.11
O4 BMA E . 27.57 41.54 19.24
O5 BMA E . 30.79 40.65 18.30
O6 BMA E . 28.60 42.43 15.97
C1 NAG F . 4.42 -12.14 4.26
C2 NAG F . 3.53 -13.23 4.86
C3 NAG F . 3.47 -13.14 6.40
C4 NAG F . 4.84 -12.88 7.05
C5 NAG F . 5.52 -11.72 6.33
C6 NAG F . 6.88 -11.36 6.86
C7 NAG F . 1.94 -13.40 3.02
C8 NAG F . 0.52 -13.25 2.56
N2 NAG F . 2.20 -13.13 4.30
O3 NAG F . 2.85 -14.29 6.94
O4 NAG F . 4.71 -12.58 8.43
O5 NAG F . 5.65 -12.12 4.98
O6 NAG F . 7.33 -10.18 6.21
O7 NAG F . 2.81 -13.76 2.22
C1 NAG F . 5.30 -13.58 9.29
C2 NAG F . 5.07 -13.13 10.74
C3 NAG F . 3.68 -13.52 11.26
C4 NAG F . 3.30 -14.97 10.93
C5 NAG F . 4.30 -15.70 10.04
C6 NAG F . 3.66 -16.93 9.41
C7 NAG F . 7.33 -13.03 11.76
C8 NAG F . 8.27 -13.62 12.77
N2 NAG F . 6.11 -13.59 11.66
O3 NAG F . 2.70 -12.64 10.71
O4 NAG F . 3.13 -15.68 12.15
O5 NAG F . 4.79 -14.88 8.98
O6 NAG F . 4.62 -17.92 9.18
O7 NAG F . 7.69 -12.09 11.06
C1 NAG G . -17.01 -26.19 -15.63
C2 NAG G . -16.61 -26.67 -17.03
C3 NAG G . -16.31 -28.18 -17.06
C4 NAG G . -15.52 -28.70 -15.86
C5 NAG G . -16.16 -28.17 -14.58
C6 NAG G . -15.44 -28.62 -13.29
C7 NAG G . -18.19 -25.34 -18.48
C8 NAG G . -17.65 -23.99 -18.07
N2 NAG G . -17.69 -26.49 -17.99
O3 NAG G . -15.66 -28.54 -18.27
O4 NAG G . -15.49 -30.12 -15.90
O5 NAG G . -16.15 -26.75 -14.65
O6 NAG G . -14.34 -27.80 -12.97
O7 NAG G . -19.12 -25.39 -19.28
S SO4 H . -32.98 -15.57 -4.78
O1 SO4 H . -31.81 -15.41 -3.88
O2 SO4 H . -32.57 -15.24 -6.16
O3 SO4 H . -34.09 -14.69 -4.37
O4 SO4 H . -33.45 -16.98 -4.73
S SO4 I . -30.78 -22.97 -22.21
O1 SO4 I . -30.73 -22.79 -20.74
O2 SO4 I . -32.18 -23.12 -22.69
O3 SO4 I . -30.00 -24.18 -22.56
O4 SO4 I . -30.13 -21.80 -22.85
#